data_5OC0
#
_entry.id   5OC0
#
_cell.length_a   68.046
_cell.length_b   91.102
_cell.length_c   97.923
_cell.angle_alpha   90.00
_cell.angle_beta   90.00
_cell.angle_gamma   90.00
#
_symmetry.space_group_name_H-M   'C 2 2 21'
#
loop_
_entity.id
_entity.type
_entity.pdbx_description
1 polymer 'Cytochrome b561'
2 non-polymer 'PROTOPORPHYRIN IX CONTAINING FE'
3 non-polymer 'MAGNESIUM ION'
4 non-polymer GLYCEROL
5 non-polymer 'Octyl Glucose Neopentyl Glycol'
6 water water
#
_entity_poly.entity_id   1
_entity_poly.type   'polypeptide(L)'
_entity_poly.pdbx_seq_one_letter_code
;(MSE)ENKYSRLQISIHWLVFLLVIAAYCA(MSE)EFRGFFPRSDRPLIN(MSE)IHVSCGISILVL(MSE)VVRLLLRL
KYPTPPIIPKPKP(MSE)(MSE)TGLAHLGHLVIYLLFIALPVIGLV(MSE)(MSE)YNRGNPWFAFGLT(MSE)PYASE
ANFERVDSLKSWHETLANLGYFVIGLHAAAALAHHYFWKDNTLLR(MSE)(MSE)PRKRSSVPGSHHHHHHHH
;
_entity_poly.pdbx_strand_id   A
#
loop_
_chem_comp.id
_chem_comp.type
_chem_comp.name
_chem_comp.formula
37X non-polymer 'Octyl Glucose Neopentyl Glycol' 'C27 H52 O12'
GOL non-polymer GLYCEROL 'C3 H8 O3'
HEM non-polymer 'PROTOPORPHYRIN IX CONTAINING FE' 'C34 H32 Fe N4 O4'
MG non-polymer 'MAGNESIUM ION' 'Mg 2'
#
# COMPACT_ATOMS: atom_id res chain seq x y z
N GLU A 2 -12.96 -21.45 -2.31
CA GLU A 2 -12.32 -22.66 -2.91
C GLU A 2 -10.87 -22.36 -3.43
N ASN A 3 -10.72 -22.23 -4.75
CA ASN A 3 -9.41 -22.06 -5.41
C ASN A 3 -8.99 -20.61 -5.62
N LYS A 4 -9.79 -19.62 -5.30
CA LYS A 4 -9.42 -18.22 -5.48
C LYS A 4 -9.45 -17.54 -4.07
N TYR A 5 -8.75 -16.43 -3.89
CA TYR A 5 -9.11 -15.51 -2.81
C TYR A 5 -10.57 -15.11 -2.97
N SER A 6 -11.23 -14.69 -1.89
CA SER A 6 -12.61 -14.21 -2.00
C SER A 6 -12.71 -12.96 -2.89
N ARG A 7 -13.88 -12.76 -3.46
CA ARG A 7 -14.06 -11.58 -4.29
C ARG A 7 -13.73 -10.26 -3.60
N LEU A 8 -14.12 -10.13 -2.34
CA LEU A 8 -13.75 -8.96 -1.55
C LEU A 8 -12.23 -8.83 -1.44
N GLN A 9 -11.51 -9.93 -1.23
CA GLN A 9 -10.06 -9.82 -1.08
C GLN A 9 -9.42 -9.43 -2.43
N ILE A 10 -9.98 -9.97 -3.53
CA ILE A 10 -9.52 -9.64 -4.87
C ILE A 10 -9.79 -8.16 -5.15
N SER A 11 -11.00 -7.69 -4.86
CA SER A 11 -11.34 -6.28 -5.00
C SER A 11 -10.41 -5.34 -4.28
N ILE A 12 -10.13 -5.66 -3.02
CA ILE A 12 -9.29 -4.85 -2.20
C ILE A 12 -7.84 -4.88 -2.70
N HIS A 13 -7.34 -6.06 -3.10
CA HIS A 13 -6.00 -6.16 -3.63
C HIS A 13 -5.78 -5.14 -4.81
N TRP A 14 -6.71 -5.15 -5.76
CA TRP A 14 -6.52 -4.38 -6.97
C TRP A 14 -6.92 -2.91 -6.73
N LEU A 15 -7.91 -2.67 -5.87
CA LEU A 15 -8.19 -1.31 -5.44
C LEU A 15 -6.96 -0.63 -4.81
N VAL A 16 -6.33 -1.33 -3.88
CA VAL A 16 -5.12 -0.82 -3.26
C VAL A 16 -4.01 -0.55 -4.30
N PHE A 17 -3.84 -1.48 -5.22
CA PHE A 17 -2.92 -1.26 -6.35
C PHE A 17 -3.22 0.10 -7.05
N LEU A 18 -4.48 0.33 -7.40
CA LEU A 18 -4.87 1.63 -8.05
C LEU A 18 -4.60 2.82 -7.17
N LEU A 19 -4.94 2.70 -5.89
CA LEU A 19 -4.73 3.79 -4.97
C LEU A 19 -3.24 4.09 -4.71
N VAL A 20 -2.44 3.05 -4.66
CA VAL A 20 -1.00 3.19 -4.50
C VAL A 20 -0.39 3.88 -5.73
N ILE A 21 -0.86 3.46 -6.91
CA ILE A 21 -0.40 4.12 -8.14
C ILE A 21 -0.68 5.62 -8.08
N ALA A 22 -1.89 5.98 -7.66
CA ALA A 22 -2.36 7.37 -7.61
C ALA A 22 -1.52 8.12 -6.56
N ALA A 23 -1.25 7.52 -5.40
CA ALA A 23 -0.46 8.13 -4.34
C ALA A 23 0.96 8.49 -4.82
N TYR A 24 1.65 7.51 -5.39
CA TYR A 24 2.97 7.72 -6.00
C TYR A 24 2.94 8.77 -7.14
N CYS A 25 1.97 8.64 -8.03
CA CYS A 25 1.87 9.54 -9.16
C CYS A 25 1.67 11.01 -8.71
N ALA A 26 0.83 11.22 -7.68
CA ALA A 26 0.59 12.58 -7.17
C ALA A 26 1.91 13.22 -6.72
N MSE A 27 2.75 12.49 -5.99
CA MSE A 27 4.05 13.02 -5.57
C MSE A 27 5.03 13.13 -6.71
O MSE A 27 5.72 14.12 -6.81
CB MSE A 27 4.66 12.33 -4.37
CG MSE A 27 3.76 12.63 -3.13
SE MSE A 27 3.97 14.52 -2.59
CE MSE A 27 2.20 15.06 -3.35
N GLU A 28 5.08 12.13 -7.59
CA GLU A 28 6.09 12.12 -8.65
C GLU A 28 5.84 13.22 -9.66
N PHE A 29 4.58 13.53 -9.94
CA PHE A 29 4.22 14.53 -10.94
C PHE A 29 3.85 15.89 -10.34
N ARG A 30 4.03 16.07 -9.03
CA ARG A 30 3.69 17.32 -8.36
C ARG A 30 4.28 18.60 -9.04
N GLY A 31 5.54 18.55 -9.42
CA GLY A 31 6.20 19.67 -10.05
C GLY A 31 5.79 19.96 -11.50
N PHE A 32 4.89 19.19 -12.06
CA PHE A 32 4.35 19.39 -13.40
C PHE A 32 3.10 20.24 -13.28
N PHE A 33 2.66 20.51 -12.04
CA PHE A 33 1.49 21.34 -11.82
C PHE A 33 1.97 22.66 -11.25
N PRO A 34 1.23 23.74 -11.54
CA PRO A 34 1.60 25.01 -10.91
C PRO A 34 1.48 25.00 -9.36
N ARG A 35 2.24 25.85 -8.70
CA ARG A 35 2.14 26.06 -7.25
C ARG A 35 0.67 26.17 -6.75
N SER A 36 -0.17 26.82 -7.54
CA SER A 36 -1.58 27.00 -7.20
C SER A 36 -2.36 25.69 -7.09
N ASP A 37 -1.95 24.63 -7.78
CA ASP A 37 -2.61 23.31 -7.69
C ASP A 37 -2.05 22.38 -6.63
N ARG A 38 -0.94 22.76 -6.01
CA ARG A 38 -0.27 21.91 -5.04
C ARG A 38 -1.20 21.46 -3.87
N PRO A 39 -1.96 22.41 -3.29
CA PRO A 39 -2.92 21.93 -2.26
C PRO A 39 -3.80 20.75 -2.71
N LEU A 40 -4.27 20.78 -3.96
CA LEU A 40 -5.13 19.74 -4.46
C LEU A 40 -4.33 18.45 -4.65
N ILE A 41 -3.10 18.58 -5.14
CA ILE A 41 -2.26 17.43 -5.37
C ILE A 41 -1.94 16.74 -4.01
N ASN A 42 -1.60 17.57 -3.02
CA ASN A 42 -1.37 17.11 -1.66
C ASN A 42 -2.61 16.42 -1.06
N MSE A 43 -3.76 17.01 -1.30
CA MSE A 43 -4.98 16.40 -0.84
C MSE A 43 -5.21 15.05 -1.47
O MSE A 43 -5.58 14.13 -0.78
CB MSE A 43 -6.20 17.33 -1.00
CG MSE A 43 -7.45 16.58 -0.55
SE MSE A 43 -8.88 17.86 -0.15
CE MSE A 43 -9.69 17.80 -1.94
N ILE A 44 -5.06 14.91 -2.80
CA ILE A 44 -5.22 13.64 -3.47
C ILE A 44 -4.27 12.66 -2.83
N HIS A 45 -3.02 13.07 -2.58
CA HIS A 45 -1.99 12.19 -2.08
C HIS A 45 -2.38 11.59 -0.73
N VAL A 46 -2.68 12.48 0.20
CA VAL A 46 -2.97 12.09 1.55
C VAL A 46 -4.25 11.27 1.64
N SER A 47 -5.23 11.64 0.81
CA SER A 47 -6.50 10.94 0.76
C SER A 47 -6.30 9.51 0.23
N CYS A 48 -5.52 9.35 -0.82
CA CYS A 48 -5.17 7.99 -1.26
C CYS A 48 -4.43 7.20 -0.14
N GLY A 49 -3.46 7.89 0.50
CA GLY A 49 -2.62 7.30 1.53
C GLY A 49 -3.48 6.81 2.70
N ILE A 50 -4.41 7.63 3.16
CA ILE A 50 -5.31 7.24 4.26
C ILE A 50 -6.20 6.05 3.84
N SER A 51 -6.74 6.08 2.60
CA SER A 51 -7.54 4.99 2.05
C SER A 51 -6.77 3.70 2.02
N ILE A 52 -5.49 3.79 1.61
CA ILE A 52 -4.61 2.65 1.54
C ILE A 52 -4.40 2.07 2.97
N LEU A 53 -4.06 2.91 3.92
CA LEU A 53 -3.91 2.49 5.31
C LEU A 53 -5.11 1.67 5.85
N VAL A 54 -6.30 2.22 5.66
CA VAL A 54 -7.56 1.57 6.08
C VAL A 54 -7.69 0.19 5.38
N LEU A 55 -7.41 0.15 4.09
CA LEU A 55 -7.55 -1.07 3.32
C LEU A 55 -6.50 -2.08 3.65
N MSE A 56 -5.28 -1.65 4.05
CA MSE A 56 -4.22 -2.51 4.45
C MSE A 56 -4.63 -3.19 5.79
O MSE A 56 -4.37 -4.37 6.00
CB MSE A 56 -2.91 -1.75 4.60
CG MSE A 56 -2.28 -1.19 3.35
SE MSE A 56 -1.85 -2.52 2.04
CE MSE A 56 -0.74 -3.74 3.08
N VAL A 57 -5.20 -2.45 6.71
CA VAL A 57 -5.67 -3.02 7.98
C VAL A 57 -6.82 -4.04 7.73
N VAL A 58 -7.84 -3.63 6.94
CA VAL A 58 -8.96 -4.45 6.59
C VAL A 58 -8.50 -5.75 5.90
N ARG A 59 -7.64 -5.63 4.91
CA ARG A 59 -7.17 -6.81 4.21
C ARG A 59 -6.41 -7.79 5.12
N LEU A 60 -5.74 -7.26 6.11
CA LEU A 60 -4.98 -8.07 7.02
C LEU A 60 -5.94 -8.86 7.94
N LEU A 61 -6.98 -8.18 8.42
CA LEU A 61 -8.04 -8.83 9.22
C LEU A 61 -8.73 -9.91 8.37
N LEU A 62 -8.96 -9.66 7.06
CA LEU A 62 -9.54 -10.68 6.18
C LEU A 62 -8.59 -11.85 6.02
N ARG A 63 -7.30 -11.55 5.95
CA ARG A 63 -6.29 -12.56 5.80
C ARG A 63 -6.25 -13.50 7.00
N LEU A 64 -6.39 -12.98 8.21
CA LEU A 64 -6.60 -13.81 9.33
C LEU A 64 -7.94 -14.61 9.27
N LYS A 65 -9.02 -13.95 8.95
CA LYS A 65 -10.35 -14.61 8.98
C LYS A 65 -10.43 -15.77 7.99
N TYR A 66 -9.91 -15.60 6.80
CA TYR A 66 -10.00 -16.61 5.70
C TYR A 66 -8.80 -17.47 5.53
N PRO A 67 -8.99 -18.66 4.93
CA PRO A 67 -7.80 -19.42 4.59
C PRO A 67 -7.07 -18.76 3.41
N THR A 68 -5.78 -18.97 3.29
CA THR A 68 -5.13 -18.67 2.03
C THR A 68 -5.44 -19.73 1.00
N PRO A 69 -5.88 -19.34 -0.21
CA PRO A 69 -6.12 -20.40 -1.18
C PRO A 69 -4.85 -21.19 -1.47
N PRO A 70 -4.99 -22.49 -1.69
CA PRO A 70 -3.76 -23.25 -1.99
C PRO A 70 -3.21 -22.87 -3.40
N ILE A 71 -1.91 -23.03 -3.58
CA ILE A 71 -1.28 -23.01 -4.91
C ILE A 71 -1.19 -24.41 -5.49
N ILE A 72 -1.47 -24.51 -6.79
CA ILE A 72 -1.43 -25.73 -7.53
C ILE A 72 -0.43 -25.54 -8.66
N PRO A 73 0.61 -26.39 -8.80
CA PRO A 73 0.94 -27.47 -7.83
C PRO A 73 1.42 -26.86 -6.50
N LYS A 74 1.48 -27.69 -5.48
CA LYS A 74 1.80 -27.29 -4.14
C LYS A 74 3.25 -26.95 -3.98
N PRO A 75 3.55 -25.73 -3.50
CA PRO A 75 4.95 -25.40 -3.16
C PRO A 75 5.51 -26.27 -2.01
N LYS A 76 6.82 -26.31 -1.84
CA LYS A 76 7.41 -26.82 -0.58
C LYS A 76 6.91 -25.93 0.62
N PRO A 77 6.61 -26.55 1.82
CA PRO A 77 6.11 -25.73 2.98
C PRO A 77 6.94 -24.48 3.32
N MSE A 78 8.28 -24.55 3.24
CA MSE A 78 9.20 -23.44 3.42
C MSE A 78 9.02 -22.35 2.37
O MSE A 78 9.21 -21.18 2.68
CB MSE A 78 10.63 -23.97 3.45
CG MSE A 78 11.61 -23.06 4.20
SE MSE A 78 11.01 -22.83 6.06
CE MSE A 78 10.93 -24.73 6.61
N MSE A 79 8.64 -22.71 1.15
CA MSE A 79 8.36 -21.70 0.11
C MSE A 79 7.13 -20.94 0.44
O MSE A 79 7.13 -19.74 0.27
CB MSE A 79 8.29 -22.27 -1.30
CG MSE A 79 9.61 -22.99 -1.61
SE MSE A 79 11.10 -21.76 -1.21
CE MSE A 79 12.02 -22.52 0.36
N THR A 80 6.10 -21.60 0.93
CA THR A 80 4.88 -20.93 1.36
C THR A 80 5.16 -20.01 2.57
N GLY A 81 5.82 -20.55 3.60
CA GLY A 81 6.29 -19.77 4.75
C GLY A 81 6.97 -18.47 4.32
N LEU A 82 7.87 -18.58 3.36
CA LEU A 82 8.64 -17.45 2.91
C LEU A 82 7.80 -16.40 2.16
N ALA A 83 6.94 -16.87 1.28
CA ALA A 83 6.02 -15.99 0.61
C ALA A 83 5.14 -15.31 1.69
N HIS A 84 4.67 -16.10 2.66
CA HIS A 84 3.82 -15.52 3.75
C HIS A 84 4.55 -14.48 4.59
N LEU A 85 5.84 -14.70 4.84
CA LEU A 85 6.73 -13.71 5.46
C LEU A 85 6.86 -12.48 4.62
N GLY A 86 7.09 -12.65 3.29
CA GLY A 86 7.11 -11.52 2.32
C GLY A 86 5.83 -10.71 2.43
N HIS A 87 4.68 -11.41 2.50
CA HIS A 87 3.40 -10.71 2.68
C HIS A 87 3.40 -9.89 3.98
N LEU A 88 3.88 -10.49 5.05
CA LEU A 88 3.89 -9.78 6.37
C LEU A 88 4.72 -8.46 6.20
N VAL A 89 5.84 -8.56 5.45
CA VAL A 89 6.67 -7.40 5.21
C VAL A 89 5.88 -6.32 4.43
N ILE A 90 5.11 -6.76 3.45
CA ILE A 90 4.24 -5.83 2.71
C ILE A 90 3.17 -5.17 3.57
N TYR A 91 2.52 -5.99 4.39
CA TYR A 91 1.53 -5.45 5.36
C TYR A 91 2.16 -4.39 6.24
N LEU A 92 3.32 -4.70 6.81
CA LEU A 92 4.03 -3.79 7.70
C LEU A 92 4.43 -2.48 7.00
N LEU A 93 5.07 -2.63 5.83
CA LEU A 93 5.59 -1.47 5.11
C LEU A 93 4.49 -0.48 4.75
N PHE A 94 3.41 -1.02 4.18
CA PHE A 94 2.29 -0.22 3.70
C PHE A 94 1.28 0.21 4.74
N ILE A 95 1.50 -0.21 5.99
CA ILE A 95 0.85 0.38 7.13
C ILE A 95 1.81 1.46 7.71
N ALA A 96 3.11 1.15 7.85
CA ALA A 96 4.04 2.09 8.46
C ALA A 96 4.15 3.37 7.58
N LEU A 97 4.18 3.20 6.25
CA LEU A 97 4.33 4.33 5.37
C LEU A 97 3.24 5.41 5.54
N PRO A 98 1.94 5.02 5.44
CA PRO A 98 0.93 6.04 5.64
C PRO A 98 0.80 6.51 7.07
N VAL A 99 1.11 5.64 8.05
CA VAL A 99 1.08 6.11 9.45
C VAL A 99 2.09 7.25 9.69
N ILE A 100 3.30 7.08 9.17
CA ILE A 100 4.35 8.08 9.24
C ILE A 100 3.91 9.37 8.56
N GLY A 101 3.23 9.20 7.43
CA GLY A 101 2.60 10.32 6.75
C GLY A 101 1.67 11.11 7.68
N LEU A 102 0.74 10.39 8.28
CA LEU A 102 -0.22 10.97 9.18
C LEU A 102 0.43 11.72 10.36
N VAL A 103 1.43 11.08 10.98
CA VAL A 103 2.10 11.66 12.14
C VAL A 103 2.89 12.91 11.72
N MSE A 104 3.44 12.87 10.48
CA MSE A 104 4.11 13.99 9.85
C MSE A 104 3.18 15.17 9.71
O MSE A 104 3.55 16.28 10.13
CB MSE A 104 4.74 13.60 8.54
CG MSE A 104 5.15 14.80 7.73
SE MSE A 104 6.42 14.27 6.32
CE MSE A 104 5.82 12.48 6.03
N MSE A 105 1.99 14.96 9.16
CA MSE A 105 0.98 16.01 8.95
C MSE A 105 0.50 16.53 10.30
O MSE A 105 0.34 17.76 10.51
CB MSE A 105 -0.20 15.53 8.11
CG MSE A 105 0.14 15.15 6.65
SE MSE A 105 1.00 16.63 5.74
CE MSE A 105 -0.68 17.60 5.56
N TYR A 106 0.30 15.63 11.24
CA TYR A 106 -0.08 16.06 12.58
C TYR A 106 0.97 17.02 13.18
N ASN A 107 2.23 16.63 13.15
CA ASN A 107 3.31 17.37 13.80
C ASN A 107 3.73 18.65 13.09
N ARG A 108 3.32 18.79 11.85
CA ARG A 108 3.52 20.05 11.16
C ARG A 108 2.74 21.20 11.77
N GLY A 109 1.68 20.90 12.50
CA GLY A 109 0.88 21.91 13.20
C GLY A 109 0.11 22.88 12.31
N ASN A 110 -0.21 22.47 11.08
CA ASN A 110 -1.03 23.30 10.15
C ASN A 110 -2.32 22.60 9.82
N PRO A 111 -3.35 23.39 9.53
CA PRO A 111 -4.58 22.82 8.95
C PRO A 111 -4.29 22.00 7.69
N TRP A 112 -4.91 20.86 7.56
CA TRP A 112 -4.76 20.07 6.36
C TRP A 112 -6.02 19.29 6.09
N PHE A 113 -6.11 18.75 4.85
CA PHE A 113 -7.39 18.27 4.32
C PHE A 113 -7.30 16.86 3.76
N ALA A 114 -8.28 16.02 4.07
CA ALA A 114 -8.38 14.67 3.45
C ALA A 114 -9.83 14.41 3.17
N PHE A 115 -10.14 13.96 1.94
CA PHE A 115 -11.51 13.73 1.47
C PHE A 115 -12.35 15.01 1.61
N GLY A 116 -11.74 16.15 1.29
CA GLY A 116 -12.36 17.44 1.43
C GLY A 116 -12.67 17.88 2.85
N LEU A 117 -12.05 17.26 3.86
CA LEU A 117 -12.39 17.52 5.28
C LEU A 117 -11.16 17.94 6.01
N THR A 118 -11.34 18.84 6.98
CA THR A 118 -10.22 19.33 7.75
C THR A 118 -9.83 18.31 8.84
N MSE A 119 -8.53 18.09 9.00
CA MSE A 119 -7.98 17.05 9.86
C MSE A 119 -7.32 17.64 11.07
O MSE A 119 -6.94 18.81 11.07
CB MSE A 119 -6.90 16.32 9.05
CG MSE A 119 -7.40 15.65 7.78
SE MSE A 119 -8.57 14.11 8.15
CE MSE A 119 -7.37 13.08 9.33
N PRO A 120 -7.11 16.85 12.12
CA PRO A 120 -6.41 17.34 13.33
C PRO A 120 -4.90 17.58 13.14
N TYR A 121 -4.35 18.50 13.92
CA TYR A 121 -2.92 18.77 13.88
C TYR A 121 -2.51 19.25 15.23
N ALA A 122 -1.20 19.26 15.50
CA ALA A 122 -0.71 19.66 16.78
C ALA A 122 -0.90 21.20 16.96
N SER A 123 -1.26 21.66 18.15
CA SER A 123 -1.41 23.09 18.43
C SER A 123 -0.07 23.86 18.40
N GLU A 124 1.05 23.14 18.56
CA GLU A 124 2.36 23.67 18.28
C GLU A 124 3.10 22.66 17.35
N ALA A 125 3.92 23.17 16.44
CA ALA A 125 4.68 22.33 15.51
C ALA A 125 5.85 21.62 16.20
N ASN A 126 6.31 20.50 15.65
CA ASN A 126 7.48 19.82 16.17
C ASN A 126 8.43 19.50 15.03
N PHE A 127 9.49 20.29 14.95
CA PHE A 127 10.33 20.31 13.77
C PHE A 127 11.36 19.19 13.69
N GLU A 128 11.93 18.82 14.84
CA GLU A 128 12.84 17.67 14.91
C GLU A 128 12.11 16.40 14.40
N ARG A 129 10.88 16.23 14.86
CA ARG A 129 10.06 15.10 14.53
C ARG A 129 9.70 15.12 13.00
N VAL A 130 9.18 16.26 12.50
CA VAL A 130 8.80 16.37 11.08
C VAL A 130 9.98 15.98 10.18
N ASP A 131 11.17 16.53 10.46
CA ASP A 131 12.34 16.26 9.61
C ASP A 131 12.63 14.78 9.56
N SER A 132 12.59 14.14 10.72
CA SER A 132 12.82 12.71 10.81
C SER A 132 11.70 11.87 10.12
N LEU A 133 10.45 12.25 10.34
CA LEU A 133 9.32 11.60 9.75
C LEU A 133 9.37 11.71 8.20
N LYS A 134 9.68 12.91 7.72
CA LYS A 134 9.85 13.16 6.29
C LYS A 134 10.91 12.27 5.69
N SER A 135 12.05 12.18 6.35
CA SER A 135 13.07 11.27 5.90
C SER A 135 12.59 9.81 5.88
N TRP A 136 11.88 9.36 6.92
CA TRP A 136 11.38 7.99 6.97
C TRP A 136 10.29 7.71 5.91
N HIS A 137 9.45 8.69 5.69
CA HIS A 137 8.42 8.52 4.69
C HIS A 137 9.05 8.30 3.30
N GLU A 138 10.05 9.11 3.00
CA GLU A 138 10.76 9.00 1.75
C GLU A 138 11.46 7.66 1.59
N THR A 139 12.26 7.26 2.55
CA THR A 139 12.87 5.97 2.54
C THR A 139 11.86 4.80 2.37
N LEU A 140 10.81 4.72 3.20
CA LEU A 140 9.85 3.67 3.10
C LEU A 140 9.11 3.73 1.70
N ALA A 141 8.82 4.92 1.19
CA ALA A 141 8.15 5.04 -0.14
C ALA A 141 9.05 4.48 -1.25
N ASN A 142 10.34 4.77 -1.14
CA ASN A 142 11.32 4.19 -2.03
C ASN A 142 11.50 2.69 -1.84
N LEU A 143 11.55 2.22 -0.59
CA LEU A 143 11.51 0.78 -0.34
C LEU A 143 10.22 0.13 -0.96
N GLY A 144 9.09 0.84 -0.91
CA GLY A 144 7.84 0.39 -1.47
C GLY A 144 7.92 0.03 -2.97
N TYR A 145 8.58 0.86 -3.77
CA TYR A 145 8.77 0.59 -5.19
C TYR A 145 9.44 -0.75 -5.39
N PHE A 146 10.49 -0.98 -4.61
CA PHE A 146 11.34 -2.13 -4.77
C PHE A 146 10.53 -3.39 -4.38
N VAL A 147 9.80 -3.29 -3.27
CA VAL A 147 9.06 -4.38 -2.73
C VAL A 147 7.88 -4.71 -3.67
N ILE A 148 7.14 -3.72 -4.15
CA ILE A 148 6.08 -4.00 -5.15
C ILE A 148 6.67 -4.63 -6.40
N GLY A 149 7.82 -4.13 -6.85
CA GLY A 149 8.50 -4.69 -8.00
C GLY A 149 8.87 -6.15 -7.82
N LEU A 150 9.48 -6.51 -6.70
CA LEU A 150 9.81 -7.88 -6.42
C LEU A 150 8.53 -8.74 -6.36
N HIS A 151 7.54 -8.19 -5.67
CA HIS A 151 6.26 -8.85 -5.45
C HIS A 151 5.60 -9.18 -6.81
N ALA A 152 5.53 -8.17 -7.70
CA ALA A 152 4.84 -8.32 -9.00
C ALA A 152 5.66 -9.33 -9.85
N ALA A 153 6.98 -9.21 -9.79
CA ALA A 153 7.91 -10.06 -10.54
C ALA A 153 7.78 -11.51 -10.14
N ALA A 154 7.67 -11.76 -8.81
CA ALA A 154 7.45 -13.11 -8.34
C ALA A 154 6.12 -13.69 -8.90
N ALA A 155 5.08 -12.88 -8.91
CA ALA A 155 3.81 -13.29 -9.40
C ALA A 155 3.91 -13.66 -10.86
N LEU A 156 4.63 -12.84 -11.60
CA LEU A 156 4.83 -13.09 -13.03
C LEU A 156 5.68 -14.34 -13.29
N ALA A 157 6.73 -14.58 -12.50
CA ALA A 157 7.54 -15.81 -12.62
C ALA A 157 6.66 -17.05 -12.38
N HIS A 158 5.80 -16.98 -11.37
CA HIS A 158 4.79 -18.05 -11.12
C HIS A 158 3.85 -18.27 -12.25
N HIS A 159 3.29 -17.20 -12.75
CA HIS A 159 2.28 -17.31 -13.78
C HIS A 159 2.82 -17.76 -15.17
N TYR A 160 3.98 -17.24 -15.58
CA TYR A 160 4.55 -17.51 -16.89
C TYR A 160 5.69 -18.51 -16.99
N PHE A 161 6.56 -18.54 -15.99
CA PHE A 161 7.75 -19.40 -15.98
C PHE A 161 7.37 -20.76 -15.35
N TRP A 162 6.94 -20.77 -14.09
CA TRP A 162 6.51 -21.99 -13.43
C TRP A 162 5.15 -22.46 -13.85
N LYS A 163 4.31 -21.61 -14.41
CA LYS A 163 2.98 -22.04 -14.90
C LYS A 163 2.10 -22.64 -13.81
N ASP A 164 2.11 -22.06 -12.62
CA ASP A 164 1.23 -22.53 -11.56
C ASP A 164 0.10 -21.53 -11.47
N ASN A 165 -0.79 -21.68 -10.50
CA ASN A 165 -1.97 -20.86 -10.45
C ASN A 165 -1.88 -19.68 -9.46
N THR A 166 -0.67 -19.30 -9.05
CA THR A 166 -0.47 -18.26 -8.05
C THR A 166 -1.20 -17.01 -8.34
N LEU A 167 -1.03 -16.50 -9.56
CA LEU A 167 -1.71 -15.25 -9.94
C LEU A 167 -3.18 -15.44 -10.26
N LEU A 168 -3.57 -16.56 -10.84
CA LEU A 168 -4.98 -16.79 -11.18
C LEU A 168 -5.86 -16.72 -9.95
N ARG A 169 -5.34 -17.16 -8.82
CA ARG A 169 -6.09 -17.15 -7.53
C ARG A 169 -6.47 -15.71 -7.11
N MSE A 170 -5.69 -14.74 -7.59
CA MSE A 170 -5.83 -13.31 -7.26
C MSE A 170 -6.48 -12.51 -8.37
O MSE A 170 -6.71 -11.28 -8.20
CB MSE A 170 -4.48 -12.76 -6.81
CG MSE A 170 -4.49 -11.33 -6.18
SE MSE A 170 -5.84 -11.11 -4.77
CE MSE A 170 -4.62 -11.48 -3.28
N MSE A 171 -6.85 -13.18 -9.48
CA MSE A 171 -7.49 -12.54 -10.58
C MSE A 171 -9.00 -12.73 -10.49
O MSE A 171 -9.49 -13.79 -10.04
CB MSE A 171 -7.02 -13.00 -11.97
CG MSE A 171 -5.56 -12.68 -12.13
SE MSE A 171 -5.13 -10.78 -12.37
CE MSE A 171 -5.73 -10.53 -14.25
N PRO A 172 -9.74 -11.71 -10.97
CA PRO A 172 -11.21 -11.74 -10.84
C PRO A 172 -11.90 -12.80 -11.64
N ARG A 173 -11.43 -13.14 -12.82
CA ARG A 173 -12.14 -14.06 -13.67
C ARG A 173 -11.58 -15.47 -13.58
N LYS A 174 -12.45 -16.43 -13.93
CA LYS A 174 -12.08 -17.85 -13.94
C LYS A 174 -11.49 -18.18 -15.30
N ARG A 175 -10.17 -18.27 -15.34
CA ARG A 175 -9.37 -18.47 -16.56
C ARG A 175 -8.13 -19.33 -16.25
CHA HEM B . -1.12 -11.01 -2.94
CHB HEM B . 0.20 -10.20 -7.51
CHC HEM B . 0.37 -5.46 -6.55
CHD HEM B . 0.15 -6.48 -1.87
C1A HEM B . -0.85 -11.20 -4.25
C2A HEM B . -0.78 -12.46 -4.89
C3A HEM B . -0.43 -12.24 -6.19
C4A HEM B . -0.22 -10.84 -6.36
CMA HEM B . -0.25 -13.30 -7.23
CAA HEM B . -1.11 -13.78 -4.27
CBA HEM B . 0.21 -14.28 -3.71
CGA HEM B . 0.03 -15.57 -2.90
O1A HEM B . -1.10 -15.95 -2.54
O2A HEM B . 1.00 -16.25 -2.56
C1B HEM B . 0.37 -8.82 -7.69
C2B HEM B . 0.63 -8.16 -8.98
C3B HEM B . 0.69 -6.81 -8.70
C4B HEM B . 0.42 -6.66 -7.22
CMB HEM B . 0.86 -8.87 -10.31
CAB HEM B . 0.90 -5.65 -9.58
CBB HEM B . 0.90 -5.73 -10.90
C1C HEM B . 0.33 -5.24 -5.21
C2C HEM B . 0.51 -4.00 -4.53
C3C HEM B . 0.48 -4.34 -3.16
C4C HEM B . 0.27 -5.76 -3.04
CMC HEM B . 0.71 -2.63 -5.13
CAC HEM B . 0.58 -3.49 -1.97
CBC HEM B . 0.83 -2.21 -1.94
C1D HEM B . -0.24 -7.82 -1.81
C2D HEM B . -0.53 -8.46 -0.51
C3D HEM B . -0.89 -9.73 -0.80
C4D HEM B . -0.83 -9.84 -2.28
CMD HEM B . -0.40 -7.81 0.84
CAD HEM B . -1.31 -10.83 0.13
CBD HEM B . -2.82 -11.04 0.08
CGD HEM B . -3.62 -9.79 0.36
O1D HEM B . -3.59 -9.20 1.48
O2D HEM B . -4.36 -9.33 -0.55
NA HEM B . -0.44 -10.21 -5.16
NB HEM B . 0.21 -7.88 -6.77
NC HEM B . 0.17 -6.27 -4.30
ND HEM B . -0.45 -8.67 -2.81
FE HEM B . -0.16 -8.28 -4.73
CHA HEM C . 5.67 12.49 0.12
CHB HEM C . 4.46 7.96 -1.12
CHC HEM C . 0.96 7.95 2.26
CHD HEM C . 2.00 12.58 3.23
C1A HEM C . 5.65 11.24 -0.46
C2A HEM C . 6.50 10.86 -1.50
C3A HEM C . 6.17 9.59 -1.86
C4A HEM C . 5.09 9.18 -1.06
CMA HEM C . 6.83 8.77 -2.95
CAA HEM C . 7.61 11.70 -2.08
CBA HEM C . 8.88 11.37 -1.30
CGA HEM C . 10.09 11.94 -1.99
O1A HEM C . 10.81 11.29 -2.77
O2A HEM C . 10.37 13.12 -1.79
C1B HEM C . 3.39 7.55 -0.29
C2B HEM C . 2.74 6.26 -0.37
C3B HEM C . 1.73 6.24 0.56
C4B HEM C . 1.81 7.56 1.24
CMB HEM C . 3.13 5.18 -1.36
CAB HEM C . 0.81 5.19 1.03
CBB HEM C . 0.98 3.90 0.80
C1C HEM C . 0.92 9.21 2.84
C2C HEM C . -0.02 9.67 3.78
C3C HEM C . 0.27 11.00 4.07
C4C HEM C . 1.42 11.33 3.29
CMC HEM C . -1.15 8.84 4.37
CAC HEM C . -0.41 11.95 5.03
CBC HEM C . -1.51 11.68 5.77
C1D HEM C . 3.07 12.89 2.43
C2D HEM C . 3.69 14.25 2.47
C3D HEM C . 4.71 14.20 1.62
C4D HEM C . 4.72 12.84 1.05
CMD HEM C . 3.30 15.48 3.26
CAD HEM C . 5.59 15.36 1.24
CBD HEM C . 6.92 15.42 1.92
CGD HEM C . 7.43 16.82 1.64
O1D HEM C . 7.28 17.36 0.50
O2D HEM C . 7.98 17.48 2.56
NA HEM C . 4.76 10.23 -0.21
NB HEM C . 2.79 8.25 0.67
NC HEM C . 1.74 10.24 2.51
ND HEM C . 3.73 12.08 1.58
FE HEM C . 3.29 10.23 1.15
MG MG D . -6.30 -16.93 7.72
C1 GOL E . 7.04 -12.89 -2.37
O1 GOL E . 7.86 -11.79 -2.83
C2 GOL E . 5.56 -12.48 -2.17
O2 GOL E . 5.38 -11.11 -2.47
C3 GOL E . 4.69 -13.35 -3.06
O3 GOL E . 3.29 -13.05 -3.17
OAL 37X F . 3.62 17.23 -21.42
OAN 37X F . 6.09 21.53 -17.96
C1 37X F . -1.67 21.49 -16.32
O1 37X F . -0.56 20.69 -16.62
C2 37X F . -1.20 22.70 -15.52
O2 37X F . -0.22 23.44 -16.25
C3 37X F . -2.42 23.54 -15.17
O3 37X F . -2.08 24.73 -14.47
C4 37X F . -3.37 22.69 -14.35
O4 37X F . -4.49 23.47 -13.92
C5 37X F . -3.81 21.50 -15.20
O5 37X F . -2.63 20.74 -15.60
C6 37X F . -4.74 20.57 -14.47
O6 37X F . -6.08 21.05 -14.55
OAP 37X F . 3.88 21.07 -16.38
CBC 37X F . 0.76 10.75 -16.13
CBD 37X F . -5.38 13.87 -18.76
CBE 37X F . 0.75 12.08 -15.46
CBF 37X F . -4.81 15.26 -18.83
CBG 37X F . 0.74 13.24 -16.41
CBH 37X F . -3.81 15.63 -17.77
CBI 37X F . 0.83 14.60 -15.77
CBJ 37X F . -3.90 17.06 -17.25
CBK 37X F . 0.38 15.74 -16.66
CBL 37X F . -2.67 17.52 -16.50
CBP 37X F . 4.11 18.56 -21.41
CBQ 37X F . 0.37 17.09 -15.96
CBR 37X F . -1.56 18.00 -17.42
CBS 37X F . -0.33 19.51 -15.84
CBT 37X F . 0.81 18.60 -17.93
OBV 37X F . 1.78 19.54 -17.48
OBX 37X F . 3.02 19.05 -19.34
OCB 37X F . 6.32 20.32 -20.47
CCF 37X F . 4.33 18.95 -19.98
CCH 37X F . 5.21 20.48 -18.30
CCJ 37X F . 3.07 19.37 -17.95
CCL 37X F . 3.83 20.69 -17.74
CCM 37X F . -0.18 18.31 -16.78
CCQ 37X F . 5.05 20.29 -19.80
#